data_7F3A
#
_entry.id   7F3A
#
_cell.length_a   44.690
_cell.length_b   93.106
_cell.length_c   60.931
_cell.angle_alpha   90.000
_cell.angle_beta   102.520
_cell.angle_gamma   90.000
#
_symmetry.space_group_name_H-M   'P 1 21 1'
#
loop_
_entity.id
_entity.type
_entity.pdbx_description
1 polymer 'Beta-glucosidase 42'
2 non-polymer GLYCEROL
3 water water
#
_entity_poly.entity_id   1
_entity_poly.type   'polypeptide(L)'
_entity_poly.pdbx_seq_one_letter_code
;SMAQKLNLLNLAVPPVTHRSNFPSTFTFGVATSAYQIEGGWNEGKKGPSIWDKFTHIEGKILDGSNGDVAVDHYHRYKED
VDLIGQLGFGAYRFSISWSRIFPDGLGTEVNEEGIAFYNDLINTLLEKGIQPYVTLYHWDLPSHLQEAIGGWTNRKIVDY
FGLYADACFANFGDRVKHWITLNEPLQTSVNGHCIGIFAPGRNEKPLIEPYLVSHHQVLAHATAVSIYRSKYKESQGGQI
GLSVDCEWAEPNSEKPEDKVAADRRIDFQLGWFLDPLFFGDYPASMRQKLGDNLPRFTPEEKEFMLQNSWDFLGLNHYTS
RLISHVSNKEAESNFYQAQELERIVELENGDLIGERAASDWLYAVPWGIRKTLNYMSKKYNHPPIFITENGMDDEDDGSA
SIHDMLDDKRRVDYFKSYLANVSQAIEDGVDIKGYFAWSLLDNFEWAQGYTKRFGLVYVDYKNGLTRHPKSSAYWFMKFL
KGDEENKGKKE
;
_entity_poly.pdbx_strand_id   A
#
loop_
_chem_comp.id
_chem_comp.type
_chem_comp.name
_chem_comp.formula
GOL non-polymer GLYCEROL 'C3 H8 O3'
#
# COMPACT_ATOMS: atom_id res chain seq x y z
N SER A 1 20.85 -20.92 18.41
CA SER A 1 20.80 -19.47 18.49
C SER A 1 19.83 -18.90 17.46
N MET A 2 19.44 -17.64 17.62
CA MET A 2 18.56 -17.01 16.65
C MET A 2 19.25 -16.84 15.30
N ALA A 3 20.56 -16.59 15.30
CA ALA A 3 21.29 -16.52 14.04
C ALA A 3 21.16 -17.82 13.27
N GLN A 4 21.33 -18.96 13.94
CA GLN A 4 21.15 -20.25 13.27
C GLN A 4 19.70 -20.44 12.83
N LYS A 5 18.75 -20.08 13.69
CA LYS A 5 17.34 -20.26 13.37
C LYS A 5 16.97 -19.52 12.08
N LEU A 6 17.44 -18.28 11.94
CA LEU A 6 17.07 -17.48 10.77
C LEU A 6 17.81 -17.96 9.53
N ASN A 7 19.07 -18.38 9.69
CA ASN A 7 19.80 -18.95 8.57
C ASN A 7 19.10 -20.18 8.02
N LEU A 8 18.59 -21.04 8.91
CA LEU A 8 17.83 -22.20 8.43
C LEU A 8 16.54 -21.79 7.76
N LEU A 9 15.90 -20.72 8.25
CA LEU A 9 14.70 -20.20 7.61
C LEU A 9 14.97 -19.80 6.17
N ASN A 10 16.08 -19.09 5.94
CA ASN A 10 16.39 -18.69 4.57
C ASN A 10 16.78 -19.88 3.71
N LEU A 11 17.53 -20.83 4.26
CA LEU A 11 17.96 -21.99 3.47
C LEU A 11 16.78 -22.89 3.11
N ALA A 12 15.72 -22.90 3.92
CA ALA A 12 14.60 -23.78 3.64
C ALA A 12 13.81 -23.36 2.41
N VAL A 13 13.87 -22.08 2.05
CA VAL A 13 13.18 -21.58 0.87
C VAL A 13 14.21 -20.87 0.00
N PRO A 14 14.90 -21.60 -0.88
CA PRO A 14 15.93 -20.98 -1.71
C PRO A 14 15.32 -19.92 -2.63
N PRO A 15 16.10 -18.92 -3.04
CA PRO A 15 15.59 -17.84 -3.89
C PRO A 15 15.49 -18.24 -5.36
N VAL A 16 14.70 -19.28 -5.63
CA VAL A 16 14.44 -19.74 -6.97
C VAL A 16 12.93 -19.80 -7.15
N THR A 17 12.44 -19.28 -8.28
CA THR A 17 11.00 -19.26 -8.49
C THR A 17 10.73 -19.34 -9.98
N HIS A 18 9.64 -20.03 -10.31
CA HIS A 18 9.16 -20.13 -11.68
C HIS A 18 7.66 -19.98 -11.68
N ARG A 19 7.12 -19.58 -12.83
CA ARG A 19 5.68 -19.38 -12.96
C ARG A 19 4.90 -20.63 -12.58
N SER A 20 5.47 -21.82 -12.86
CA SER A 20 4.77 -23.06 -12.54
C SER A 20 4.62 -23.29 -11.04
N ASN A 21 5.36 -22.54 -10.21
CA ASN A 21 5.21 -22.65 -8.76
C ASN A 21 3.95 -21.98 -8.24
N PHE A 22 3.20 -21.30 -9.10
CA PHE A 22 1.98 -20.62 -8.71
C PHE A 22 0.79 -21.20 -9.47
N PRO A 23 -0.41 -21.15 -8.89
CA PRO A 23 -1.58 -21.68 -9.58
C PRO A 23 -1.76 -21.04 -10.95
N SER A 24 -2.33 -21.83 -11.87
CA SER A 24 -2.52 -21.31 -13.23
C SER A 24 -3.37 -20.04 -13.23
N THR A 25 -4.31 -19.91 -12.29
CA THR A 25 -5.18 -18.75 -12.25
C THR A 25 -4.63 -17.58 -11.43
N PHE A 26 -3.45 -17.74 -10.84
CA PHE A 26 -2.81 -16.67 -10.07
C PHE A 26 -2.66 -15.41 -10.92
N THR A 27 -2.87 -14.26 -10.30
CA THR A 27 -2.79 -12.98 -11.00
C THR A 27 -1.49 -12.27 -10.63
N PHE A 28 -0.68 -11.93 -11.65
CA PHE A 28 0.53 -11.15 -11.46
C PHE A 28 0.32 -9.75 -11.99
N GLY A 29 0.67 -8.74 -11.21
CA GLY A 29 0.45 -7.37 -11.61
C GLY A 29 1.58 -6.47 -11.14
N VAL A 30 1.47 -5.20 -11.55
CA VAL A 30 2.33 -4.12 -11.07
C VAL A 30 1.42 -3.06 -10.47
N ALA A 31 1.99 -2.24 -9.58
CA ALA A 31 1.21 -1.26 -8.84
C ALA A 31 1.84 0.13 -8.91
N THR A 32 0.97 1.15 -8.94
CA THR A 32 1.36 2.56 -8.84
C THR A 32 0.33 3.28 -7.97
N SER A 33 0.51 4.59 -7.78
CA SER A 33 -0.56 5.42 -7.22
C SER A 33 -0.61 6.73 -8.00
N ALA A 34 -1.77 7.42 -7.92
CA ALA A 34 -2.02 8.56 -8.79
C ALA A 34 -1.06 9.70 -8.54
N TYR A 35 -0.91 10.12 -7.27
CA TYR A 35 -0.03 11.27 -7.02
C TYR A 35 1.40 10.95 -7.42
N GLN A 36 1.80 9.70 -7.26
CA GLN A 36 3.21 9.36 -7.50
C GLN A 36 3.57 9.32 -8.98
N ILE A 37 2.60 9.16 -9.88
CA ILE A 37 2.94 9.02 -11.29
C ILE A 37 2.22 10.01 -12.21
N GLU A 38 1.08 10.59 -11.85
CA GLU A 38 0.23 11.18 -12.88
C GLU A 38 0.73 12.52 -13.39
N GLY A 39 1.16 13.39 -12.49
CA GLY A 39 1.32 14.76 -12.97
C GLY A 39 -0.04 15.33 -13.34
N GLY A 40 -0.05 16.25 -14.31
CA GLY A 40 -1.30 16.92 -14.65
C GLY A 40 -2.04 17.45 -13.45
N TRP A 41 -1.33 18.02 -12.48
CA TRP A 41 -1.90 18.26 -11.17
C TRP A 41 -3.00 19.32 -11.18
N ASN A 42 -3.00 20.20 -12.18
CA ASN A 42 -3.99 21.26 -12.29
C ASN A 42 -4.70 21.20 -13.64
N GLU A 43 -4.72 20.03 -14.28
CA GLU A 43 -5.34 19.85 -15.58
C GLU A 43 -6.66 19.10 -15.43
N GLY A 44 -7.51 19.23 -16.45
CA GLY A 44 -8.77 18.53 -16.45
C GLY A 44 -9.70 18.93 -15.33
N LYS A 45 -9.61 20.19 -14.87
CA LYS A 45 -10.38 20.74 -13.76
C LYS A 45 -10.08 20.06 -12.42
N LYS A 46 -8.98 19.32 -12.31
CA LYS A 46 -8.64 18.69 -11.04
C LYS A 46 -8.43 19.72 -9.95
N GLY A 47 -8.97 19.43 -8.77
CA GLY A 47 -8.73 20.28 -7.61
C GLY A 47 -7.44 19.89 -6.94
N PRO A 48 -6.89 20.77 -6.12
CA PRO A 48 -5.65 20.44 -5.41
C PRO A 48 -5.89 19.41 -4.31
N SER A 49 -4.92 18.52 -4.11
CA SER A 49 -4.96 17.59 -2.98
C SER A 49 -4.03 18.06 -1.87
N ILE A 50 -4.10 17.36 -0.73
CA ILE A 50 -3.18 17.68 0.36
C ILE A 50 -1.72 17.44 -0.03
N TRP A 51 -1.47 16.58 -1.02
CA TRP A 51 -0.09 16.39 -1.46
C TRP A 51 0.36 17.48 -2.43
N ASP A 52 -0.54 18.03 -3.25
CA ASP A 52 -0.20 19.26 -3.97
C ASP A 52 0.22 20.36 -2.99
N LYS A 53 -0.59 20.56 -1.94
CA LYS A 53 -0.23 21.62 -0.99
C LYS A 53 1.07 21.31 -0.26
N PHE A 54 1.23 20.06 0.20
CA PHE A 54 2.38 19.66 1.00
C PHE A 54 3.70 19.80 0.23
N THR A 55 3.75 19.33 -1.01
CA THR A 55 5.00 19.36 -1.77
C THR A 55 5.37 20.76 -2.23
N HIS A 56 4.44 21.71 -2.14
CA HIS A 56 4.74 23.08 -2.51
C HIS A 56 5.28 23.89 -1.35
N ILE A 57 5.55 23.26 -0.21
CA ILE A 57 6.17 23.92 0.93
C ILE A 57 7.63 23.48 0.96
N GLU A 58 8.54 24.44 0.85
CA GLU A 58 9.97 24.11 0.87
C GLU A 58 10.34 23.44 2.19
N GLY A 59 11.04 22.31 2.10
CA GLY A 59 11.51 21.59 3.27
C GLY A 59 10.77 20.30 3.56
N LYS A 60 9.57 20.12 3.01
CA LYS A 60 8.81 18.90 3.29
C LYS A 60 9.35 17.70 2.55
N ILE A 61 9.93 17.91 1.37
CA ILE A 61 10.38 16.84 0.49
C ILE A 61 11.90 16.89 0.41
N LEU A 62 12.53 15.73 0.58
CA LEU A 62 13.99 15.64 0.74
C LEU A 62 14.74 16.38 -0.37
N ASP A 63 14.34 16.18 -1.61
CA ASP A 63 15.05 16.75 -2.74
C ASP A 63 14.38 18.02 -3.27
N GLY A 64 13.44 18.60 -2.52
CA GLY A 64 12.75 19.79 -2.97
C GLY A 64 11.89 19.61 -4.19
N SER A 65 11.51 18.39 -4.52
CA SER A 65 10.71 18.10 -5.70
C SER A 65 9.22 18.05 -5.35
N ASN A 66 8.38 17.89 -6.38
CA ASN A 66 6.94 17.77 -6.19
C ASN A 66 6.37 16.84 -7.25
N GLY A 67 5.09 16.55 -7.13
CA GLY A 67 4.40 15.72 -8.11
C GLY A 67 3.62 16.49 -9.16
N ASP A 68 3.95 17.76 -9.39
CA ASP A 68 3.26 18.55 -10.41
C ASP A 68 3.26 17.83 -11.76
N VAL A 69 4.41 17.28 -12.14
CA VAL A 69 4.57 16.52 -13.37
C VAL A 69 4.74 15.03 -13.10
N ALA A 70 5.47 14.70 -12.04
CA ALA A 70 5.80 13.31 -11.67
C ALA A 70 6.39 12.63 -12.90
N VAL A 71 5.89 11.48 -13.34
CA VAL A 71 6.37 10.87 -14.57
C VAL A 71 5.38 11.07 -15.72
N ASP A 72 4.45 12.04 -15.56
CA ASP A 72 3.57 12.49 -16.64
C ASP A 72 2.70 11.37 -17.19
N HIS A 73 2.35 10.40 -16.34
CA HIS A 73 1.42 9.35 -16.75
C HIS A 73 0.08 9.93 -17.23
N TYR A 74 -0.33 11.09 -16.71
CA TYR A 74 -1.57 11.71 -17.16
C TYR A 74 -1.59 11.90 -18.67
N HIS A 75 -0.44 12.18 -19.29
CA HIS A 75 -0.37 12.34 -20.73
C HIS A 75 0.19 11.13 -21.45
N ARG A 76 0.85 10.20 -20.75
CA ARG A 76 1.58 9.13 -21.39
C ARG A 76 1.01 7.74 -21.08
N TYR A 77 -0.22 7.68 -20.57
CA TYR A 77 -0.69 6.42 -20.01
C TYR A 77 -0.82 5.34 -21.07
N LYS A 78 -1.11 5.69 -22.32
CA LYS A 78 -1.25 4.68 -23.35
C LYS A 78 0.06 3.93 -23.56
N GLU A 79 1.19 4.64 -23.53
CA GLU A 79 2.47 3.95 -23.66
C GLU A 79 2.81 3.17 -22.40
N ASP A 80 2.40 3.66 -21.22
CA ASP A 80 2.63 2.90 -20.01
C ASP A 80 1.80 1.61 -19.98
N VAL A 81 0.57 1.66 -20.51
CA VAL A 81 -0.26 0.46 -20.58
C VAL A 81 0.36 -0.55 -21.54
N ASP A 82 0.82 -0.08 -22.72
CA ASP A 82 1.54 -0.95 -23.64
C ASP A 82 2.67 -1.68 -22.93
N LEU A 83 3.42 -0.95 -22.11
CA LEU A 83 4.58 -1.56 -21.42
C LEU A 83 4.12 -2.63 -20.45
N ILE A 84 3.03 -2.39 -19.71
CA ILE A 84 2.53 -3.42 -18.80
C ILE A 84 2.20 -4.69 -19.58
N GLY A 85 1.51 -4.53 -20.71
CA GLY A 85 1.16 -5.69 -21.52
C GLY A 85 2.38 -6.40 -22.06
N GLN A 86 3.38 -5.64 -22.53
CA GLN A 86 4.56 -6.26 -23.12
C GLN A 86 5.36 -7.02 -22.07
N LEU A 87 5.45 -6.50 -20.84
CA LEU A 87 6.13 -7.23 -19.78
C LEU A 87 5.37 -8.50 -19.38
N GLY A 88 4.08 -8.59 -19.69
CA GLY A 88 3.35 -9.82 -19.48
C GLY A 88 2.45 -9.84 -18.26
N PHE A 89 2.29 -8.71 -17.58
CA PHE A 89 1.45 -8.70 -16.39
C PHE A 89 -0.01 -8.81 -16.77
N GLY A 90 -0.78 -9.52 -15.95
CA GLY A 90 -2.19 -9.70 -16.22
C GLY A 90 -3.08 -8.68 -15.58
N ALA A 91 -2.52 -7.88 -14.66
CA ALA A 91 -3.32 -6.90 -13.93
C ALA A 91 -2.47 -5.69 -13.60
N TYR A 92 -3.16 -4.58 -13.31
CA TYR A 92 -2.52 -3.31 -13.01
C TYR A 92 -3.27 -2.68 -11.85
N ARG A 93 -2.57 -2.48 -10.73
CA ARG A 93 -3.15 -1.79 -9.58
C ARG A 93 -2.76 -0.32 -9.68
N PHE A 94 -3.77 0.55 -9.77
CA PHE A 94 -3.55 1.98 -9.80
C PHE A 94 -4.57 2.64 -8.90
N SER A 95 -4.36 3.91 -8.56
CA SER A 95 -5.34 4.62 -7.76
C SER A 95 -6.03 5.71 -8.59
N ILE A 96 -7.27 6.02 -8.19
CA ILE A 96 -8.02 7.11 -8.76
C ILE A 96 -7.80 8.33 -7.87
N SER A 97 -7.54 9.48 -8.49
CA SER A 97 -7.36 10.74 -7.76
C SER A 97 -8.73 11.33 -7.43
N TRP A 98 -9.07 11.31 -6.14
CA TRP A 98 -10.34 11.83 -5.67
C TRP A 98 -10.61 13.23 -6.21
N SER A 99 -9.59 14.09 -6.22
CA SER A 99 -9.79 15.46 -6.64
C SER A 99 -9.95 15.62 -8.16
N ARG A 100 -9.73 14.56 -8.94
CA ARG A 100 -10.13 14.57 -10.35
C ARG A 100 -11.61 14.29 -10.53
N ILE A 101 -12.23 13.59 -9.57
CA ILE A 101 -13.66 13.24 -9.66
C ILE A 101 -14.51 14.32 -9.00
N PHE A 102 -14.14 14.73 -7.79
CA PHE A 102 -14.81 15.80 -7.05
C PHE A 102 -13.71 16.75 -6.64
N PRO A 103 -13.45 17.80 -7.43
CA PRO A 103 -12.30 18.69 -7.15
C PRO A 103 -12.27 19.29 -5.75
N ASP A 104 -13.43 19.57 -5.14
CA ASP A 104 -13.45 20.05 -3.77
C ASP A 104 -13.79 18.97 -2.75
N GLY A 105 -13.95 17.72 -3.20
CA GLY A 105 -14.27 16.62 -2.31
C GLY A 105 -15.69 16.57 -1.81
N LEU A 106 -16.55 17.53 -2.18
CA LEU A 106 -17.86 17.61 -1.54
C LEU A 106 -18.88 16.64 -2.13
N GLY A 107 -18.56 16.02 -3.26
CA GLY A 107 -19.36 14.90 -3.73
C GLY A 107 -20.65 15.24 -4.42
N THR A 108 -20.82 16.47 -4.88
CA THR A 108 -22.10 16.87 -5.45
C THR A 108 -22.07 17.07 -6.96
N GLU A 109 -20.96 17.52 -7.54
CA GLU A 109 -20.88 17.74 -8.97
C GLU A 109 -19.69 16.94 -9.52
N VAL A 110 -19.99 15.85 -10.22
CA VAL A 110 -18.95 14.99 -10.79
C VAL A 110 -18.20 15.75 -11.88
N ASN A 111 -16.88 15.60 -11.89
CA ASN A 111 -16.03 16.28 -12.88
C ASN A 111 -15.88 15.38 -14.11
N GLU A 112 -16.54 15.74 -15.20
CA GLU A 112 -16.60 14.84 -16.35
C GLU A 112 -15.23 14.65 -17.01
N GLU A 113 -14.34 15.65 -16.92
CA GLU A 113 -13.02 15.47 -17.50
C GLU A 113 -12.21 14.45 -16.73
N GLY A 114 -12.39 14.38 -15.41
CA GLY A 114 -11.72 13.34 -14.63
C GLY A 114 -12.27 11.95 -14.92
N ILE A 115 -13.59 11.85 -15.04
CA ILE A 115 -14.21 10.58 -15.43
C ILE A 115 -13.69 10.13 -16.78
N ALA A 116 -13.56 11.08 -17.72
CA ALA A 116 -13.12 10.71 -19.06
C ALA A 116 -11.70 10.15 -19.06
N PHE A 117 -10.82 10.72 -18.23
CA PHE A 117 -9.45 10.23 -18.17
C PHE A 117 -9.40 8.80 -17.67
N TYR A 118 -10.06 8.51 -16.54
CA TYR A 118 -9.99 7.14 -16.02
C TYR A 118 -10.76 6.17 -16.90
N ASN A 119 -11.82 6.62 -17.57
CA ASN A 119 -12.48 5.72 -18.52
C ASN A 119 -11.53 5.34 -19.65
N ASP A 120 -10.74 6.30 -20.14
CA ASP A 120 -9.85 5.96 -21.25
C ASP A 120 -8.71 5.07 -20.77
N LEU A 121 -8.21 5.31 -19.57
CA LEU A 121 -7.19 4.42 -19.01
C LEU A 121 -7.71 3.01 -18.87
N ILE A 122 -8.89 2.86 -18.26
CA ILE A 122 -9.51 1.55 -18.08
C ILE A 122 -9.76 0.88 -19.42
N ASN A 123 -10.28 1.62 -20.40
CA ASN A 123 -10.56 1.00 -21.69
C ASN A 123 -9.28 0.58 -22.38
N THR A 124 -8.20 1.36 -22.23
CA THR A 124 -6.91 0.98 -22.80
C THR A 124 -6.37 -0.29 -22.15
N LEU A 125 -6.49 -0.39 -20.82
CA LEU A 125 -6.07 -1.60 -20.13
C LEU A 125 -6.81 -2.82 -20.65
N LEU A 126 -8.13 -2.70 -20.81
CA LEU A 126 -8.91 -3.86 -21.20
C LEU A 126 -8.69 -4.24 -22.66
N GLU A 127 -8.37 -3.26 -23.53
CA GLU A 127 -8.01 -3.61 -24.89
C GLU A 127 -6.81 -4.53 -24.92
N LYS A 128 -5.87 -4.37 -23.97
CA LYS A 128 -4.68 -5.19 -23.88
C LYS A 128 -4.86 -6.40 -23.00
N GLY A 129 -6.07 -6.66 -22.50
CA GLY A 129 -6.31 -7.80 -21.65
C GLY A 129 -5.77 -7.68 -20.24
N ILE A 130 -5.61 -6.46 -19.74
CA ILE A 130 -5.06 -6.21 -18.40
C ILE A 130 -6.21 -5.84 -17.49
N GLN A 131 -6.34 -6.59 -16.38
CA GLN A 131 -7.40 -6.33 -15.40
C GLN A 131 -7.08 -5.12 -14.55
N PRO A 132 -7.98 -4.14 -14.46
CA PRO A 132 -7.74 -3.02 -13.54
C PRO A 132 -8.09 -3.39 -12.10
N TYR A 133 -7.16 -3.10 -11.19
CA TYR A 133 -7.37 -3.18 -9.74
C TYR A 133 -7.28 -1.76 -9.21
N VAL A 134 -8.38 -1.22 -8.67
CA VAL A 134 -8.44 0.22 -8.44
C VAL A 134 -8.42 0.53 -6.95
N THR A 135 -7.40 1.28 -6.53
CA THR A 135 -7.38 1.87 -5.18
C THR A 135 -8.15 3.18 -5.20
N LEU A 136 -9.17 3.29 -4.33
CA LEU A 136 -9.93 4.54 -4.27
C LEU A 136 -9.13 5.64 -3.58
N TYR A 137 -8.49 5.33 -2.46
CA TYR A 137 -7.77 6.35 -1.67
C TYR A 137 -6.32 5.95 -1.47
N HIS A 138 -5.42 6.62 -2.20
CA HIS A 138 -3.99 6.43 -1.98
C HIS A 138 -3.35 7.76 -1.61
N TRP A 139 -3.93 8.42 -0.60
CA TRP A 139 -3.36 9.46 0.26
C TRP A 139 -3.63 10.87 -0.26
N ASP A 140 -4.29 11.02 -1.42
CA ASP A 140 -4.45 12.33 -2.03
C ASP A 140 -5.84 12.92 -1.74
N LEU A 141 -6.07 13.17 -0.45
CA LEU A 141 -7.30 13.83 -0.02
C LEU A 141 -7.46 15.18 -0.69
N PRO A 142 -8.64 15.52 -1.21
CA PRO A 142 -8.86 16.89 -1.71
C PRO A 142 -8.57 17.92 -0.61
N SER A 143 -7.76 18.93 -0.96
CA SER A 143 -7.35 19.87 0.08
C SER A 143 -8.53 20.64 0.63
N HIS A 144 -9.60 20.80 -0.14
CA HIS A 144 -10.76 21.51 0.39
C HIS A 144 -11.34 20.78 1.59
N LEU A 145 -11.32 19.45 1.59
CA LEU A 145 -11.84 18.74 2.75
C LEU A 145 -10.92 18.92 3.95
N GLN A 146 -9.61 18.89 3.72
CA GLN A 146 -8.68 19.15 4.82
C GLN A 146 -8.93 20.53 5.44
N GLU A 147 -9.09 21.54 4.60
CA GLU A 147 -9.25 22.90 5.11
C GLU A 147 -10.63 23.11 5.73
N ALA A 148 -11.66 22.50 5.16
CA ALA A 148 -13.02 22.85 5.54
C ALA A 148 -13.49 22.09 6.77
N ILE A 149 -13.14 20.81 6.91
CA ILE A 149 -13.61 19.98 8.01
C ILE A 149 -12.48 19.36 8.81
N GLY A 150 -11.22 19.62 8.46
CA GLY A 150 -10.14 18.95 9.14
C GLY A 150 -9.80 17.59 8.57
N GLY A 151 -10.27 17.27 7.36
CA GLY A 151 -9.86 16.02 6.73
C GLY A 151 -10.34 14.81 7.51
N TRP A 152 -9.46 13.83 7.66
CA TRP A 152 -9.79 12.55 8.28
C TRP A 152 -10.07 12.65 9.78
N THR A 153 -9.77 13.79 10.42
CA THR A 153 -10.07 13.95 11.84
C THR A 153 -11.55 14.17 12.11
N ASN A 154 -12.35 14.43 11.09
CA ASN A 154 -13.76 14.77 11.21
C ASN A 154 -14.60 13.58 10.73
N ARG A 155 -15.55 13.14 11.56
CA ARG A 155 -16.38 12.00 11.23
C ARG A 155 -17.11 12.15 9.90
N LYS A 156 -17.41 13.39 9.48
CA LYS A 156 -18.10 13.61 8.21
C LYS A 156 -17.29 13.13 7.02
N ILE A 157 -15.98 12.95 7.17
CA ILE A 157 -15.15 12.44 6.08
C ILE A 157 -15.67 11.10 5.60
N VAL A 158 -16.34 10.34 6.48
CA VAL A 158 -16.86 9.03 6.11
C VAL A 158 -17.91 9.16 5.03
N ASP A 159 -18.78 10.17 5.16
CA ASP A 159 -19.83 10.37 4.18
C ASP A 159 -19.29 10.96 2.87
N TYR A 160 -18.30 11.84 2.93
CA TYR A 160 -17.72 12.33 1.68
C TYR A 160 -17.01 11.20 0.94
N PHE A 161 -16.35 10.30 1.68
CA PHE A 161 -15.71 9.16 1.03
C PHE A 161 -16.76 8.25 0.40
N GLY A 162 -17.89 8.06 1.09
CA GLY A 162 -18.96 7.26 0.52
C GLY A 162 -19.46 7.77 -0.82
N LEU A 163 -19.64 9.10 -0.93
CA LEU A 163 -20.10 9.67 -2.20
C LEU A 163 -19.08 9.45 -3.30
N TYR A 164 -17.80 9.59 -2.96
CA TYR A 164 -16.72 9.35 -3.92
C TYR A 164 -16.68 7.89 -4.36
N ALA A 165 -16.71 6.97 -3.40
CA ALA A 165 -16.73 5.54 -3.73
C ALA A 165 -17.89 5.22 -4.64
N ASP A 166 -19.09 5.69 -4.29
CA ASP A 166 -20.29 5.46 -5.08
C ASP A 166 -20.11 5.94 -6.52
N ALA A 167 -19.57 7.15 -6.70
CA ALA A 167 -19.37 7.67 -8.05
C ALA A 167 -18.43 6.77 -8.85
N CYS A 168 -17.37 6.29 -8.21
CA CYS A 168 -16.43 5.40 -8.90
C CYS A 168 -17.10 4.08 -9.27
N PHE A 169 -17.83 3.46 -8.34
CA PHE A 169 -18.52 2.21 -8.68
C PHE A 169 -19.48 2.43 -9.84
N ALA A 170 -20.26 3.52 -9.79
CA ALA A 170 -21.26 3.77 -10.82
C ALA A 170 -20.61 4.01 -12.18
N ASN A 171 -19.50 4.73 -12.23
CA ASN A 171 -18.91 5.08 -13.51
C ASN A 171 -18.01 4.00 -14.09
N PHE A 172 -17.36 3.21 -13.24
CA PHE A 172 -16.29 2.34 -13.70
C PHE A 172 -16.50 0.86 -13.39
N GLY A 173 -17.49 0.50 -12.55
CA GLY A 173 -17.61 -0.87 -12.09
C GLY A 173 -18.14 -1.85 -13.09
N ASP A 174 -18.63 -1.39 -14.24
CA ASP A 174 -18.92 -2.31 -15.33
C ASP A 174 -17.64 -2.92 -15.88
N ARG A 175 -16.51 -2.23 -15.72
CA ARG A 175 -15.23 -2.70 -16.22
C ARG A 175 -14.19 -2.95 -15.14
N VAL A 176 -14.34 -2.39 -13.94
CA VAL A 176 -13.44 -2.62 -12.83
C VAL A 176 -14.10 -3.62 -11.88
N LYS A 177 -13.43 -4.76 -11.64
CA LYS A 177 -14.01 -5.84 -10.84
C LYS A 177 -13.24 -6.12 -9.56
N HIS A 178 -12.17 -5.36 -9.28
CA HIS A 178 -11.44 -5.48 -8.02
C HIS A 178 -11.21 -4.07 -7.49
N TRP A 179 -11.75 -3.80 -6.31
CA TRP A 179 -11.68 -2.49 -5.67
C TRP A 179 -10.91 -2.58 -4.37
N ILE A 180 -10.05 -1.58 -4.12
CA ILE A 180 -9.31 -1.44 -2.87
C ILE A 180 -9.69 -0.09 -2.29
N THR A 181 -10.33 -0.10 -1.11
CA THR A 181 -10.86 1.16 -0.59
C THR A 181 -9.76 2.13 -0.20
N LEU A 182 -8.91 1.72 0.73
CA LEU A 182 -7.86 2.56 1.28
C LEU A 182 -6.51 1.88 1.11
N ASN A 183 -5.48 2.70 0.94
CA ASN A 183 -4.10 2.22 0.94
C ASN A 183 -3.41 2.67 2.21
N GLU A 184 -2.84 1.71 2.94
CA GLU A 184 -1.97 1.93 4.10
C GLU A 184 -2.54 2.99 5.04
N PRO A 185 -3.72 2.75 5.62
CA PRO A 185 -4.26 3.73 6.58
C PRO A 185 -3.32 4.00 7.74
N LEU A 186 -2.49 3.03 8.12
CA LEU A 186 -1.49 3.26 9.17
C LEU A 186 -0.62 4.47 8.87
N GLN A 187 -0.15 4.59 7.63
CA GLN A 187 0.73 5.70 7.28
C GLN A 187 0.00 7.03 7.32
N THR A 188 -1.24 7.06 6.86
CA THR A 188 -2.01 8.30 6.93
C THR A 188 -2.22 8.74 8.37
N SER A 189 -2.54 7.80 9.27
CA SER A 189 -2.76 8.18 10.66
C SER A 189 -1.46 8.63 11.35
N VAL A 190 -0.38 7.87 11.17
CA VAL A 190 0.82 8.08 12.00
C VAL A 190 1.76 9.08 11.34
N ASN A 191 2.15 8.86 10.09
CA ASN A 191 3.02 9.83 9.44
C ASN A 191 2.28 11.10 9.06
N GLY A 192 0.96 11.00 8.85
CA GLY A 192 0.19 12.17 8.48
C GLY A 192 -0.25 13.05 9.64
N HIS A 193 -0.46 12.45 10.82
CA HIS A 193 -1.07 13.18 11.93
C HIS A 193 -0.38 13.00 13.27
N CYS A 194 0.66 12.16 13.39
CA CYS A 194 1.41 12.09 14.63
C CYS A 194 2.72 12.85 14.49
N ILE A 195 3.56 12.46 13.53
CA ILE A 195 4.84 13.15 13.34
C ILE A 195 4.85 14.08 12.15
N GLY A 196 3.85 14.00 11.27
CA GLY A 196 3.64 15.04 10.27
C GLY A 196 4.59 15.06 9.10
N ILE A 197 5.26 13.94 8.79
CA ILE A 197 6.16 13.93 7.64
C ILE A 197 5.46 13.63 6.33
N PHE A 198 4.21 13.16 6.38
CA PHE A 198 3.36 13.00 5.21
C PHE A 198 2.24 14.03 5.27
N ALA A 199 1.70 14.38 4.11
CA ALA A 199 0.54 15.27 4.10
C ALA A 199 -0.56 14.65 4.99
N PRO A 200 -1.32 15.47 5.73
CA PRO A 200 -1.35 16.94 5.73
C PRO A 200 -0.31 17.59 6.63
N GLY A 201 0.66 16.82 7.11
CA GLY A 201 1.76 17.39 7.86
C GLY A 201 1.44 17.81 9.28
N ARG A 202 0.50 17.14 9.93
CA ARG A 202 0.05 17.53 11.27
C ARG A 202 0.85 16.78 12.34
N ASN A 203 1.34 17.52 13.32
CA ASN A 203 1.93 16.88 14.50
C ASN A 203 1.49 17.60 15.78
N GLU A 204 0.42 18.39 15.69
CA GLU A 204 0.00 19.26 16.78
C GLU A 204 -0.77 18.53 17.87
N LYS A 205 -1.45 17.43 17.54
CA LYS A 205 -2.26 16.67 18.50
C LYS A 205 -1.94 15.19 18.38
N PRO A 206 -0.69 14.79 18.67
CA PRO A 206 -0.29 13.40 18.38
C PRO A 206 -0.94 12.36 19.26
N LEU A 207 -1.45 12.74 20.45
CA LEU A 207 -2.13 11.75 21.28
C LEU A 207 -3.55 11.50 20.85
N ILE A 208 -4.09 12.31 19.93
CA ILE A 208 -5.53 12.33 19.64
C ILE A 208 -5.79 12.08 18.17
N GLU A 209 -5.17 12.89 17.30
CA GLU A 209 -5.53 12.85 15.88
C GLU A 209 -5.22 11.51 15.20
N PRO A 210 -4.09 10.84 15.46
CA PRO A 210 -3.88 9.54 14.79
C PRO A 210 -5.01 8.55 15.03
N TYR A 211 -5.63 8.58 16.21
CA TYR A 211 -6.67 7.62 16.50
C TYR A 211 -8.01 8.03 15.92
N LEU A 212 -8.29 9.33 15.87
CA LEU A 212 -9.46 9.78 15.12
C LEU A 212 -9.35 9.38 13.66
N VAL A 213 -8.16 9.58 13.08
CA VAL A 213 -7.96 9.34 11.65
C VAL A 213 -8.09 7.86 11.31
N SER A 214 -7.56 6.99 12.18
CA SER A 214 -7.76 5.56 11.95
C SER A 214 -9.22 5.17 12.14
N HIS A 215 -9.86 5.70 13.19
CA HIS A 215 -11.28 5.45 13.42
C HIS A 215 -12.09 5.72 12.16
N HIS A 216 -11.87 6.89 11.57
CA HIS A 216 -12.67 7.32 10.43
C HIS A 216 -12.28 6.61 9.14
N GLN A 217 -11.01 6.24 9.00
CA GLN A 217 -10.62 5.42 7.86
C GLN A 217 -11.30 4.06 7.92
N VAL A 218 -11.32 3.43 9.10
CA VAL A 218 -11.99 2.14 9.24
C VAL A 218 -13.48 2.26 8.88
N LEU A 219 -14.14 3.30 9.40
CA LEU A 219 -15.55 3.48 9.10
C LEU A 219 -15.78 3.85 7.63
N ALA A 220 -14.86 4.60 7.03
CA ALA A 220 -14.96 4.91 5.61
C ALA A 220 -14.82 3.67 4.75
N HIS A 221 -13.88 2.79 5.10
CA HIS A 221 -13.78 1.54 4.38
C HIS A 221 -15.08 0.73 4.48
N ALA A 222 -15.61 0.57 5.68
CA ALA A 222 -16.82 -0.22 5.85
C ALA A 222 -17.98 0.39 5.06
N THR A 223 -18.03 1.73 5.02
CA THR A 223 -19.06 2.41 4.24
C THR A 223 -18.93 2.10 2.75
N ALA A 224 -17.71 2.12 2.21
CA ALA A 224 -17.53 1.79 0.79
C ALA A 224 -17.91 0.34 0.49
N VAL A 225 -17.52 -0.59 1.37
CA VAL A 225 -17.93 -1.98 1.20
C VAL A 225 -19.45 -2.10 1.21
N SER A 226 -20.10 -1.40 2.14
CA SER A 226 -21.56 -1.45 2.24
C SER A 226 -22.22 -0.91 0.98
N ILE A 227 -21.73 0.22 0.48
CA ILE A 227 -22.24 0.77 -0.77
C ILE A 227 -22.07 -0.24 -1.90
N TYR A 228 -20.88 -0.81 -2.02
CA TYR A 228 -20.61 -1.73 -3.12
C TYR A 228 -21.51 -2.96 -3.04
N ARG A 229 -21.62 -3.55 -1.85
CA ARG A 229 -22.41 -4.77 -1.72
C ARG A 229 -23.89 -4.52 -1.94
N SER A 230 -24.40 -3.39 -1.44
CA SER A 230 -25.83 -3.18 -1.45
C SER A 230 -26.33 -2.61 -2.77
N LYS A 231 -25.50 -1.87 -3.51
CA LYS A 231 -25.94 -1.18 -4.72
C LYS A 231 -25.36 -1.74 -6.01
N TYR A 232 -24.13 -2.27 -5.99
CA TYR A 232 -23.39 -2.52 -7.22
C TYR A 232 -22.94 -3.96 -7.42
N LYS A 233 -22.68 -4.71 -6.34
CA LYS A 233 -22.07 -6.02 -6.52
C LYS A 233 -22.99 -6.98 -7.27
N GLU A 234 -24.30 -6.90 -7.04
CA GLU A 234 -25.20 -7.87 -7.66
C GLU A 234 -25.11 -7.81 -9.18
N SER A 235 -25.09 -6.61 -9.74
CA SER A 235 -25.02 -6.48 -11.19
C SER A 235 -23.60 -6.46 -11.73
N GLN A 236 -22.63 -6.00 -10.94
CA GLN A 236 -21.27 -5.86 -11.44
C GLN A 236 -20.40 -7.08 -11.17
N GLY A 237 -20.65 -7.79 -10.07
CA GLY A 237 -19.99 -9.07 -9.83
C GLY A 237 -18.53 -9.01 -9.44
N GLY A 238 -18.04 -7.88 -8.93
CA GLY A 238 -16.65 -7.75 -8.55
C GLY A 238 -16.45 -7.98 -7.06
N GLN A 239 -15.28 -7.57 -6.58
CA GLN A 239 -14.85 -7.81 -5.21
C GLN A 239 -14.23 -6.54 -4.65
N ILE A 240 -14.34 -6.35 -3.34
CA ILE A 240 -13.82 -5.15 -2.68
C ILE A 240 -13.01 -5.54 -1.44
N GLY A 241 -11.90 -4.83 -1.23
CA GLY A 241 -11.00 -5.10 -0.14
C GLY A 241 -10.30 -3.83 0.29
N LEU A 242 -9.21 -3.95 1.03
CA LEU A 242 -8.38 -2.83 1.44
C LEU A 242 -6.94 -3.32 1.49
N SER A 243 -6.00 -2.38 1.40
CA SER A 243 -4.57 -2.70 1.39
C SER A 243 -3.93 -2.13 2.63
N VAL A 244 -3.39 -3.02 3.48
CA VAL A 244 -2.77 -2.63 4.74
C VAL A 244 -1.31 -3.08 4.74
N ASP A 245 -0.43 -2.23 5.24
CA ASP A 245 0.98 -2.59 5.30
C ASP A 245 1.29 -3.28 6.63
N CYS A 246 2.25 -4.20 6.59
CA CYS A 246 2.65 -4.83 7.83
C CYS A 246 4.12 -5.18 7.71
N GLU A 247 4.91 -4.65 8.62
CA GLU A 247 6.29 -5.07 8.82
C GLU A 247 6.27 -6.27 9.77
N TRP A 248 6.77 -7.41 9.30
CA TRP A 248 6.65 -8.61 10.12
C TRP A 248 7.38 -8.42 11.45
N ALA A 249 6.84 -9.05 12.50
CA ALA A 249 7.37 -8.95 13.86
C ALA A 249 7.76 -10.35 14.34
N GLU A 250 9.05 -10.62 14.39
CA GLU A 250 9.59 -11.90 14.84
C GLU A 250 10.18 -11.75 16.24
N PRO A 251 9.80 -12.58 17.20
CA PRO A 251 10.38 -12.44 18.55
C PRO A 251 11.90 -12.51 18.51
N ASN A 252 12.55 -11.58 19.22
CA ASN A 252 14.01 -11.51 19.28
C ASN A 252 14.62 -12.64 20.10
N SER A 253 13.80 -13.36 20.87
CA SER A 253 14.28 -14.46 21.69
C SER A 253 13.11 -15.41 21.92
N GLU A 254 13.34 -16.46 22.70
CA GLU A 254 12.26 -17.36 23.07
C GLU A 254 11.57 -16.93 24.36
N LYS A 255 11.96 -15.80 24.93
CA LYS A 255 11.32 -15.30 26.13
C LYS A 255 9.83 -15.05 25.87
N PRO A 256 8.94 -15.49 26.75
CA PRO A 256 7.50 -15.26 26.53
C PRO A 256 7.14 -13.81 26.26
N GLU A 257 7.79 -12.86 26.93
CA GLU A 257 7.44 -11.46 26.74
C GLU A 257 7.81 -10.96 25.35
N ASP A 258 8.79 -11.59 24.69
CA ASP A 258 9.13 -11.20 23.33
C ASP A 258 8.07 -11.69 22.35
N LYS A 259 7.47 -12.85 22.60
CA LYS A 259 6.37 -13.29 21.75
C LYS A 259 5.15 -12.40 21.96
N VAL A 260 4.88 -12.02 23.21
CA VAL A 260 3.78 -11.11 23.49
C VAL A 260 4.03 -9.76 22.81
N ALA A 261 5.28 -9.29 22.85
CA ALA A 261 5.62 -8.01 22.23
C ALA A 261 5.48 -8.08 20.71
N ALA A 262 5.89 -9.19 20.10
CA ALA A 262 5.73 -9.34 18.66
C ALA A 262 4.25 -9.38 18.28
N ASP A 263 3.44 -10.10 19.06
CA ASP A 263 2.00 -10.10 18.80
C ASP A 263 1.43 -8.70 18.92
N ARG A 264 1.91 -7.93 19.91
CA ARG A 264 1.45 -6.56 20.10
C ARG A 264 1.87 -5.68 18.92
N ARG A 265 3.07 -5.91 18.41
CA ARG A 265 3.56 -5.14 17.27
C ARG A 265 2.67 -5.33 16.05
N ILE A 266 2.16 -6.55 15.85
CA ILE A 266 1.24 -6.79 14.74
C ILE A 266 -0.13 -6.20 15.04
N ASP A 267 -0.59 -6.30 16.30
CA ASP A 267 -1.85 -5.67 16.70
C ASP A 267 -1.88 -4.19 16.32
N PHE A 268 -0.81 -3.46 16.64
CA PHE A 268 -0.79 -2.03 16.42
C PHE A 268 -0.68 -1.67 14.94
N GLN A 269 -0.20 -2.59 14.09
CA GLN A 269 -0.11 -2.36 12.66
C GLN A 269 -1.35 -2.84 11.91
N LEU A 270 -1.63 -4.14 11.98
CA LEU A 270 -2.71 -4.77 11.25
C LEU A 270 -4.01 -4.74 12.03
N GLY A 271 -3.97 -5.18 13.28
CA GLY A 271 -5.19 -5.32 14.05
C GLY A 271 -5.92 -4.02 14.25
N TRP A 272 -5.18 -2.91 14.36
CA TRP A 272 -5.79 -1.58 14.48
C TRP A 272 -6.91 -1.38 13.47
N PHE A 273 -6.70 -1.84 12.23
CA PHE A 273 -7.66 -1.67 11.15
C PHE A 273 -8.52 -2.88 10.89
N LEU A 274 -7.96 -4.10 11.00
CA LEU A 274 -8.71 -5.28 10.62
C LEU A 274 -9.59 -5.82 11.76
N ASP A 275 -9.19 -5.63 13.01
CA ASP A 275 -9.93 -6.25 14.10
C ASP A 275 -11.29 -5.60 14.32
N PRO A 276 -11.42 -4.26 14.16
CA PRO A 276 -12.78 -3.69 14.18
C PRO A 276 -13.70 -4.35 13.18
N LEU A 277 -13.20 -4.63 11.98
CA LEU A 277 -14.01 -5.21 10.92
C LEU A 277 -14.34 -6.68 11.17
N PHE A 278 -13.41 -7.42 11.76
CA PHE A 278 -13.51 -8.87 11.88
C PHE A 278 -14.02 -9.31 13.24
N PHE A 279 -13.64 -8.60 14.30
CA PHE A 279 -14.09 -8.92 15.65
C PHE A 279 -15.06 -7.90 16.21
N GLY A 280 -15.14 -6.71 15.63
CA GLY A 280 -16.04 -5.70 16.13
C GLY A 280 -15.43 -4.71 17.09
N ASP A 281 -14.13 -4.76 17.32
CA ASP A 281 -13.48 -3.77 18.18
C ASP A 281 -11.99 -3.78 17.92
N TYR A 282 -11.32 -2.74 18.42
CA TYR A 282 -9.88 -2.63 18.37
C TYR A 282 -9.23 -3.78 19.14
N PRO A 283 -7.98 -4.11 18.83
CA PRO A 283 -7.27 -5.14 19.61
C PRO A 283 -7.21 -4.77 21.08
N ALA A 284 -7.38 -5.78 21.94
CA ALA A 284 -7.34 -5.55 23.38
C ALA A 284 -6.01 -4.96 23.83
N SER A 285 -4.91 -5.31 23.16
CA SER A 285 -3.62 -4.74 23.53
C SER A 285 -3.58 -3.23 23.29
N MET A 286 -4.35 -2.74 22.30
CA MET A 286 -4.44 -1.30 22.08
C MET A 286 -5.38 -0.65 23.08
N ARG A 287 -6.53 -1.28 23.34
CA ARG A 287 -7.48 -0.78 24.32
C ARG A 287 -6.84 -0.65 25.70
N GLN A 288 -6.15 -1.71 26.13
CA GLN A 288 -5.54 -1.72 27.46
C GLN A 288 -4.56 -0.56 27.63
N LYS A 289 -3.75 -0.28 26.62
CA LYS A 289 -2.68 0.69 26.73
C LYS A 289 -3.12 2.12 26.42
N LEU A 290 -4.08 2.30 25.51
CA LEU A 290 -4.40 3.65 25.04
C LEU A 290 -5.56 4.29 25.78
N GLY A 291 -6.41 3.52 26.43
CA GLY A 291 -7.46 4.10 27.24
C GLY A 291 -8.36 5.01 26.44
N ASP A 292 -8.61 6.21 26.98
CA ASP A 292 -9.65 7.08 26.44
C ASP A 292 -9.26 7.72 25.12
N ASN A 293 -7.98 7.69 24.75
CA ASN A 293 -7.57 8.29 23.48
C ASN A 293 -7.95 7.42 22.29
N LEU A 294 -8.26 6.15 22.51
CA LEU A 294 -8.79 5.30 21.45
C LEU A 294 -10.31 5.41 21.42
N PRO A 295 -10.91 5.91 20.34
CA PRO A 295 -12.36 6.09 20.33
C PRO A 295 -13.08 4.74 20.44
N ARG A 296 -14.34 4.80 20.89
CA ARG A 296 -15.16 3.62 21.04
C ARG A 296 -16.23 3.60 19.96
N PHE A 297 -16.44 2.43 19.37
CA PHE A 297 -17.49 2.25 18.38
C PHE A 297 -18.84 2.07 19.08
N THR A 298 -19.88 2.65 18.48
CA THR A 298 -21.23 2.40 18.96
C THR A 298 -21.66 0.99 18.56
N PRO A 299 -22.71 0.45 19.21
CA PRO A 299 -23.20 -0.87 18.78
C PRO A 299 -23.62 -0.91 17.33
N GLU A 300 -24.20 0.19 16.82
CA GLU A 300 -24.61 0.24 15.42
C GLU A 300 -23.41 0.21 14.50
N GLU A 301 -22.32 0.85 14.91
CA GLU A 301 -21.08 0.83 14.13
C GLU A 301 -20.44 -0.56 14.15
N LYS A 302 -20.47 -1.23 15.29
CA LYS A 302 -19.94 -2.59 15.35
C LYS A 302 -20.70 -3.52 14.43
N GLU A 303 -22.04 -3.48 14.48
CA GLU A 303 -22.84 -4.31 13.58
C GLU A 303 -22.54 -3.96 12.12
N PHE A 304 -22.43 -2.67 11.81
CA PHE A 304 -22.12 -2.23 10.46
C PHE A 304 -20.77 -2.79 9.99
N MET A 305 -19.74 -2.69 10.83
CA MET A 305 -18.42 -3.15 10.38
C MET A 305 -18.40 -4.66 10.21
N LEU A 306 -18.99 -5.39 11.14
CA LEU A 306 -19.00 -6.84 11.05
C LEU A 306 -19.68 -7.33 9.77
N GLN A 307 -20.67 -6.58 9.27
CA GLN A 307 -21.34 -6.96 8.05
C GLN A 307 -20.63 -6.47 6.80
N ASN A 308 -19.58 -5.67 6.94
CA ASN A 308 -18.95 -4.99 5.81
C ASN A 308 -17.42 -5.00 5.95
N SER A 309 -16.85 -6.18 6.22
CA SER A 309 -15.40 -6.26 6.43
C SER A 309 -14.64 -6.22 5.10
N TRP A 310 -14.71 -7.28 4.32
CA TRP A 310 -13.96 -7.34 3.07
C TRP A 310 -14.36 -8.60 2.30
N ASP A 311 -14.11 -8.56 0.98
CA ASP A 311 -14.07 -9.78 0.18
C ASP A 311 -12.69 -10.41 0.13
N PHE A 312 -11.65 -9.55 0.17
CA PHE A 312 -10.27 -10.02 0.21
C PHE A 312 -9.45 -9.02 1.02
N LEU A 313 -8.29 -9.48 1.49
CA LEU A 313 -7.31 -8.62 2.15
C LEU A 313 -6.17 -8.36 1.18
N GLY A 314 -5.72 -7.10 1.10
CA GLY A 314 -4.54 -6.75 0.34
C GLY A 314 -3.41 -6.47 1.30
N LEU A 315 -2.31 -7.23 1.17
CA LEU A 315 -1.15 -7.03 2.02
C LEU A 315 -0.09 -6.23 1.27
N ASN A 316 0.32 -5.09 1.84
CA ASN A 316 1.52 -4.38 1.41
C ASN A 316 2.65 -4.82 2.35
N HIS A 317 3.70 -5.43 1.80
CA HIS A 317 4.75 -5.96 2.65
C HIS A 317 6.11 -5.71 2.03
N TYR A 318 7.04 -5.20 2.83
CA TYR A 318 8.39 -4.91 2.37
C TYR A 318 9.48 -5.53 3.24
N THR A 319 9.26 -5.61 4.56
CA THR A 319 10.38 -5.86 5.46
C THR A 319 9.88 -6.46 6.78
N SER A 320 10.84 -6.75 7.66
CA SER A 320 10.62 -7.47 8.91
C SER A 320 11.58 -6.94 9.96
N ARG A 321 11.25 -7.20 11.23
CA ARG A 321 12.10 -6.85 12.36
C ARG A 321 12.05 -7.95 13.40
N LEU A 322 13.16 -8.11 14.12
CA LEU A 322 13.14 -8.79 15.41
C LEU A 322 12.58 -7.84 16.46
N ILE A 323 11.86 -8.39 17.44
CA ILE A 323 11.12 -7.58 18.39
C ILE A 323 11.50 -8.00 19.80
N SER A 324 11.89 -7.02 20.61
CA SER A 324 12.21 -7.23 22.02
C SER A 324 11.28 -6.37 22.86
N HIS A 325 10.73 -6.97 23.92
CA HIS A 325 9.91 -6.21 24.85
C HIS A 325 10.75 -5.19 25.59
N VAL A 326 10.21 -3.97 25.76
CA VAL A 326 10.89 -2.89 26.48
C VAL A 326 9.81 -2.13 27.26
N SER A 327 9.76 -2.34 28.57
CA SER A 327 8.73 -1.71 29.41
C SER A 327 8.81 -0.19 29.39
N SER A 333 6.86 9.83 19.09
CA SER A 333 5.83 8.90 18.64
C SER A 333 5.29 8.09 19.82
N ASN A 334 4.28 8.65 20.51
CA ASN A 334 3.64 7.89 21.57
C ASN A 334 2.84 6.71 21.02
N PHE A 335 2.45 6.75 19.73
CA PHE A 335 1.98 5.54 19.08
C PHE A 335 3.04 4.45 19.15
N TYR A 336 4.28 4.80 18.85
CA TYR A 336 5.34 3.80 18.95
C TYR A 336 5.70 3.51 20.40
N GLN A 337 5.63 4.52 21.28
CA GLN A 337 6.00 4.29 22.68
C GLN A 337 4.98 3.41 23.38
N ALA A 338 3.70 3.54 23.05
CA ALA A 338 2.66 2.68 23.62
C ALA A 338 2.87 1.21 23.29
N GLN A 339 3.71 0.89 22.31
CA GLN A 339 3.93 -0.51 21.96
C GLN A 339 4.96 -1.19 22.86
N GLU A 340 5.74 -0.43 23.64
CA GLU A 340 6.65 -0.96 24.64
C GLU A 340 7.55 -2.06 24.05
N LEU A 341 8.33 -1.69 23.05
CA LEU A 341 9.18 -2.66 22.37
C LEU A 341 10.26 -1.93 21.58
N GLU A 342 11.27 -2.69 21.13
CA GLU A 342 12.27 -2.17 20.22
C GLU A 342 12.34 -3.05 18.99
N ARG A 343 12.60 -2.41 17.85
CA ARG A 343 12.75 -3.08 16.56
C ARG A 343 14.23 -3.28 16.28
N ILE A 344 14.60 -4.51 15.91
CA ILE A 344 15.99 -4.92 15.84
C ILE A 344 16.28 -5.51 14.47
N VAL A 345 17.40 -5.11 13.88
CA VAL A 345 17.88 -5.70 12.63
C VAL A 345 19.20 -6.44 12.80
N GLU A 346 19.92 -6.25 13.90
CA GLU A 346 21.24 -6.83 14.09
C GLU A 346 21.13 -8.03 15.02
N LEU A 347 21.60 -9.18 14.58
CA LEU A 347 21.74 -10.31 15.48
C LEU A 347 22.93 -10.07 16.41
N GLU A 348 23.03 -10.87 17.47
CA GLU A 348 24.07 -10.63 18.45
C GLU A 348 25.46 -10.89 17.89
N ASN A 349 25.57 -11.75 16.87
CA ASN A 349 26.86 -12.00 16.22
C ASN A 349 27.26 -10.88 15.26
N GLY A 350 26.48 -9.79 15.18
CA GLY A 350 26.82 -8.65 14.36
C GLY A 350 26.15 -8.63 13.00
N ASP A 351 25.68 -9.77 12.51
CA ASP A 351 25.06 -9.80 11.19
C ASP A 351 23.66 -9.18 11.23
N LEU A 352 23.22 -8.74 10.06
CA LEU A 352 21.88 -8.19 9.90
C LEU A 352 20.92 -9.27 9.44
N ILE A 353 19.64 -9.09 9.80
CA ILE A 353 18.62 -10.05 9.36
C ILE A 353 18.40 -9.99 7.86
N GLY A 354 18.86 -8.93 7.20
CA GLY A 354 18.80 -8.85 5.75
C GLY A 354 19.57 -7.63 5.26
N GLU A 355 19.81 -7.59 3.95
CA GLU A 355 20.51 -6.48 3.34
C GLU A 355 19.57 -5.29 3.17
N ARG A 356 20.06 -4.09 3.43
CA ARG A 356 19.22 -2.91 3.35
C ARG A 356 19.16 -2.40 1.91
N ALA A 357 17.98 -1.94 1.52
CA ALA A 357 17.80 -1.29 0.23
C ALA A 357 18.05 0.21 0.40
N ALA A 358 17.56 1.05 -0.52
CA ALA A 358 17.84 2.48 -0.42
C ALA A 358 17.09 3.12 0.73
N SER A 359 15.82 2.74 0.93
CA SER A 359 15.07 3.25 2.07
C SER A 359 15.69 2.75 3.37
N ASP A 360 15.86 3.66 4.34
CA ASP A 360 16.53 3.31 5.60
C ASP A 360 15.79 2.22 6.37
N TRP A 361 14.50 2.05 6.14
CA TRP A 361 13.71 1.07 6.86
C TRP A 361 13.58 -0.26 6.13
N LEU A 362 14.04 -0.36 4.89
CA LEU A 362 13.70 -1.50 4.03
C LEU A 362 14.87 -2.48 4.05
N TYR A 363 14.76 -3.52 4.87
CA TYR A 363 15.70 -4.62 4.91
C TYR A 363 15.07 -5.83 4.22
N ALA A 364 15.84 -6.47 3.34
CA ALA A 364 15.32 -7.58 2.54
C ALA A 364 15.33 -8.85 3.39
N VAL A 365 14.16 -9.26 3.86
CA VAL A 365 14.01 -10.40 4.75
C VAL A 365 12.94 -11.32 4.16
N PRO A 366 13.31 -12.18 3.21
CA PRO A 366 12.28 -12.85 2.40
C PRO A 366 11.37 -13.75 3.22
N TRP A 367 11.89 -14.42 4.25
CA TRP A 367 11.04 -15.31 5.03
C TRP A 367 9.94 -14.55 5.75
N GLY A 368 10.09 -13.23 5.92
CA GLY A 368 9.08 -12.46 6.61
C GLY A 368 7.75 -12.33 5.87
N ILE A 369 7.77 -12.39 4.53
CA ILE A 369 6.49 -12.30 3.83
C ILE A 369 5.69 -13.58 4.03
N ARG A 370 6.37 -14.72 4.10
CA ARG A 370 5.66 -15.97 4.36
C ARG A 370 5.08 -15.99 5.77
N LYS A 371 5.82 -15.47 6.76
CA LYS A 371 5.29 -15.37 8.12
C LYS A 371 4.05 -14.49 8.16
N THR A 372 4.11 -13.33 7.49
CA THR A 372 2.97 -12.41 7.50
C THR A 372 1.73 -13.06 6.87
N LEU A 373 1.92 -13.73 5.73
CA LEU A 373 0.79 -14.34 5.03
C LEU A 373 0.14 -15.42 5.88
N ASN A 374 0.95 -16.29 6.50
CA ASN A 374 0.39 -17.33 7.36
C ASN A 374 -0.31 -16.73 8.57
N TYR A 375 0.28 -15.69 9.17
CA TYR A 375 -0.37 -15.04 10.30
C TYR A 375 -1.75 -14.52 9.92
N MET A 376 -1.84 -13.81 8.79
CA MET A 376 -3.12 -13.22 8.39
C MET A 376 -4.16 -14.31 8.11
N SER A 377 -3.73 -15.40 7.48
CA SER A 377 -4.67 -16.45 7.11
C SER A 377 -5.21 -17.15 8.36
N LYS A 378 -4.35 -17.38 9.34
CA LYS A 378 -4.80 -18.04 10.56
C LYS A 378 -5.67 -17.12 11.41
N LYS A 379 -5.27 -15.84 11.53
CA LYS A 379 -6.02 -14.94 12.40
C LYS A 379 -7.40 -14.63 11.84
N TYR A 380 -7.53 -14.45 10.53
CA TYR A 380 -8.74 -13.92 9.93
C TYR A 380 -9.51 -14.96 9.13
N ASN A 381 -9.36 -16.24 9.51
CA ASN A 381 -10.22 -17.32 9.03
C ASN A 381 -10.06 -17.56 7.54
N HIS A 382 -8.80 -17.62 7.09
CA HIS A 382 -8.44 -18.06 5.74
C HIS A 382 -9.14 -17.25 4.65
N PRO A 383 -8.96 -15.93 4.64
CA PRO A 383 -9.59 -15.12 3.59
C PRO A 383 -8.76 -15.16 2.32
N PRO A 384 -9.35 -14.81 1.18
CA PRO A 384 -8.53 -14.54 -0.01
C PRO A 384 -7.60 -13.37 0.27
N ILE A 385 -6.34 -13.53 -0.11
CA ILE A 385 -5.31 -12.51 0.12
C ILE A 385 -4.61 -12.21 -1.20
N PHE A 386 -4.42 -10.92 -1.48
CA PHE A 386 -3.54 -10.45 -2.53
C PHE A 386 -2.36 -9.76 -1.86
N ILE A 387 -1.14 -10.02 -2.34
CA ILE A 387 -0.03 -9.12 -2.03
C ILE A 387 -0.21 -7.91 -2.94
N THR A 388 -0.64 -6.78 -2.39
CA THR A 388 -0.89 -5.62 -3.24
C THR A 388 0.33 -4.70 -3.40
N GLU A 389 1.40 -4.91 -2.63
CA GLU A 389 2.69 -4.24 -2.84
C GLU A 389 3.79 -5.11 -2.28
N ASN A 390 4.90 -5.19 -3.00
CA ASN A 390 6.16 -5.76 -2.54
C ASN A 390 7.22 -5.31 -3.54
N GLY A 391 8.39 -4.90 -3.04
CA GLY A 391 9.45 -4.42 -3.91
C GLY A 391 10.54 -3.72 -3.11
N MET A 392 11.48 -3.10 -3.83
CA MET A 392 12.59 -2.46 -3.14
C MET A 392 13.14 -1.33 -4.00
N ASP A 393 13.85 -0.40 -3.35
CA ASP A 393 14.32 0.80 -4.04
C ASP A 393 15.84 0.88 -4.12
N ASP A 394 16.30 1.54 -5.18
CA ASP A 394 17.68 1.99 -5.37
C ASP A 394 17.78 3.48 -5.06
N GLU A 395 18.99 3.91 -4.72
CA GLU A 395 19.25 5.29 -4.33
C GLU A 395 19.76 6.08 -5.53
N ASP A 396 19.17 7.25 -5.76
CA ASP A 396 19.62 8.14 -6.83
C ASP A 396 19.28 9.58 -6.45
N ASP A 397 20.28 10.31 -5.97
CA ASP A 397 20.11 11.72 -5.61
C ASP A 397 20.18 12.66 -6.81
N GLY A 398 20.23 12.11 -8.02
CA GLY A 398 20.43 12.89 -9.24
C GLY A 398 21.78 12.69 -9.86
N SER A 399 22.71 12.03 -9.16
CA SER A 399 24.05 11.81 -9.67
C SER A 399 24.33 10.34 -10.00
N ALA A 400 23.39 9.44 -9.75
CA ALA A 400 23.66 8.03 -10.01
C ALA A 400 23.71 7.75 -11.51
N SER A 401 24.60 6.82 -11.88
CA SER A 401 24.72 6.41 -13.27
C SER A 401 23.46 5.70 -13.73
N ILE A 402 22.95 6.08 -14.91
CA ILE A 402 21.78 5.39 -15.46
C ILE A 402 22.06 3.91 -15.61
N HIS A 403 23.30 3.55 -15.97
CA HIS A 403 23.59 2.14 -16.22
C HIS A 403 23.62 1.34 -14.92
N ASP A 404 24.02 1.98 -13.81
CA ASP A 404 23.93 1.32 -12.52
C ASP A 404 22.49 1.12 -12.10
N MET A 405 21.62 2.09 -12.42
CA MET A 405 20.22 1.97 -12.06
C MET A 405 19.51 0.91 -12.91
N LEU A 406 19.99 0.65 -14.13
CA LEU A 406 19.31 -0.31 -15.00
C LEU A 406 19.71 -1.74 -14.71
N ASP A 407 20.94 -1.95 -14.25
CA ASP A 407 21.46 -3.29 -13.96
C ASP A 407 21.15 -3.62 -12.50
N ASP A 408 19.84 -3.79 -12.24
CA ASP A 408 19.37 -3.83 -10.85
C ASP A 408 19.30 -5.28 -10.35
N LYS A 409 20.48 -5.89 -10.28
CA LYS A 409 20.59 -7.29 -9.85
C LYS A 409 20.01 -7.48 -8.45
N ARG A 410 20.15 -6.49 -7.57
CA ARG A 410 19.63 -6.66 -6.22
C ARG A 410 18.09 -6.74 -6.22
N ARG A 411 17.45 -5.94 -7.07
CA ARG A 411 15.99 -6.02 -7.22
C ARG A 411 15.57 -7.38 -7.75
N VAL A 412 16.29 -7.91 -8.75
CA VAL A 412 16.00 -9.25 -9.24
C VAL A 412 16.06 -10.25 -8.09
N ASP A 413 17.12 -10.18 -7.29
CA ASP A 413 17.26 -11.12 -6.17
C ASP A 413 16.15 -10.92 -5.15
N TYR A 414 15.75 -9.67 -4.90
CA TYR A 414 14.64 -9.40 -3.98
C TYR A 414 13.38 -10.11 -4.46
N PHE A 415 13.01 -9.93 -5.73
CA PHE A 415 11.77 -10.54 -6.22
C PHE A 415 11.86 -12.06 -6.25
N LYS A 416 13.00 -12.62 -6.65
CA LYS A 416 13.15 -14.07 -6.65
C LYS A 416 12.96 -14.64 -5.25
N SER A 417 13.57 -14.01 -4.26
CA SER A 417 13.57 -14.56 -2.90
C SER A 417 12.23 -14.36 -2.20
N TYR A 418 11.57 -13.23 -2.42
CA TYR A 418 10.26 -13.05 -1.82
C TYR A 418 9.20 -13.88 -2.54
N LEU A 419 9.27 -13.96 -3.88
CA LEU A 419 8.29 -14.74 -4.61
C LEU A 419 8.38 -16.22 -4.24
N ALA A 420 9.60 -16.73 -4.00
CA ALA A 420 9.74 -18.11 -3.54
C ALA A 420 8.99 -18.32 -2.24
N ASN A 421 9.00 -17.32 -1.36
CA ASN A 421 8.28 -17.43 -0.10
C ASN A 421 6.78 -17.27 -0.27
N VAL A 422 6.34 -16.45 -1.22
CA VAL A 422 4.91 -16.36 -1.53
C VAL A 422 4.41 -17.71 -2.03
N SER A 423 5.16 -18.32 -2.95
CA SER A 423 4.83 -19.66 -3.43
C SER A 423 4.71 -20.65 -2.28
N GLN A 424 5.66 -20.60 -1.35
CA GLN A 424 5.62 -21.53 -0.22
C GLN A 424 4.42 -21.28 0.67
N ALA A 425 4.04 -20.00 0.88
CA ALA A 425 2.86 -19.71 1.69
C ALA A 425 1.61 -20.29 1.06
N ILE A 426 1.55 -20.37 -0.26
CA ILE A 426 0.45 -21.06 -0.91
C ILE A 426 0.46 -22.53 -0.52
N GLU A 427 1.63 -23.16 -0.60
CA GLU A 427 1.77 -24.55 -0.18
C GLU A 427 1.39 -24.74 1.28
N ASP A 428 1.70 -23.73 2.11
CA ASP A 428 1.32 -23.77 3.51
C ASP A 428 -0.18 -23.73 3.72
N GLY A 429 -0.95 -23.32 2.71
CA GLY A 429 -2.39 -23.26 2.83
C GLY A 429 -3.01 -21.87 2.80
N VAL A 430 -2.24 -20.83 2.50
CA VAL A 430 -2.79 -19.48 2.40
C VAL A 430 -3.44 -19.32 1.04
N ASP A 431 -4.65 -18.75 1.04
CA ASP A 431 -5.43 -18.57 -0.18
C ASP A 431 -4.98 -17.30 -0.90
N ILE A 432 -3.75 -17.34 -1.42
CA ILE A 432 -3.20 -16.19 -2.11
C ILE A 432 -3.70 -16.16 -3.54
N LYS A 433 -4.31 -15.05 -3.93
CA LYS A 433 -4.91 -14.94 -5.24
C LYS A 433 -4.05 -14.20 -6.24
N GLY A 434 -3.07 -13.42 -5.78
CA GLY A 434 -2.27 -12.67 -6.73
C GLY A 434 -1.22 -11.85 -6.01
N TYR A 435 -0.39 -11.20 -6.81
CA TYR A 435 0.81 -10.52 -6.34
C TYR A 435 1.07 -9.34 -7.24
N PHE A 436 1.29 -8.17 -6.64
CA PHE A 436 1.56 -6.94 -7.38
C PHE A 436 2.92 -6.40 -6.97
N ALA A 437 3.83 -6.26 -7.95
CA ALA A 437 5.11 -5.62 -7.69
C ALA A 437 4.95 -4.11 -7.56
N TRP A 438 5.54 -3.54 -6.50
CA TRP A 438 5.75 -2.10 -6.42
C TRP A 438 7.17 -1.81 -6.90
N SER A 439 7.33 -1.05 -8.00
CA SER A 439 6.29 -0.40 -8.78
C SER A 439 6.57 -0.63 -10.27
N LEU A 440 5.59 -0.36 -11.14
CA LEU A 440 5.86 -0.41 -12.58
C LEU A 440 7.04 0.46 -12.93
N LEU A 441 7.09 1.67 -12.38
CA LEU A 441 8.16 2.54 -12.80
C LEU A 441 8.58 3.43 -11.65
N ASP A 442 9.80 3.95 -11.76
CA ASP A 442 10.30 4.91 -10.79
C ASP A 442 9.33 6.07 -10.69
N ASN A 443 9.16 6.61 -9.48
CA ASN A 443 8.14 7.65 -9.33
C ASN A 443 8.46 8.48 -8.08
N PHE A 444 7.52 9.33 -7.69
CA PHE A 444 7.69 10.26 -6.58
C PHE A 444 7.46 9.52 -5.27
N GLU A 445 8.52 9.29 -4.50
CA GLU A 445 8.40 8.51 -3.27
C GLU A 445 8.20 9.44 -2.07
N TRP A 446 7.07 10.14 -2.09
CA TRP A 446 6.54 10.88 -0.93
C TRP A 446 7.61 11.82 -0.39
N ALA A 447 7.95 11.75 0.91
CA ALA A 447 8.87 12.71 1.51
C ALA A 447 10.31 12.51 1.03
N GLN A 448 10.59 11.38 0.38
CA GLN A 448 11.90 11.16 -0.23
C GLN A 448 12.02 11.74 -1.63
N GLY A 449 10.91 12.24 -2.19
CA GLY A 449 10.97 12.75 -3.56
C GLY A 449 11.35 11.66 -4.54
N TYR A 450 12.11 12.05 -5.57
CA TYR A 450 12.50 11.11 -6.60
C TYR A 450 13.78 10.36 -6.25
N THR A 451 14.29 10.52 -5.03
CA THR A 451 15.58 9.92 -4.67
C THR A 451 15.52 8.40 -4.51
N LYS A 452 14.34 7.82 -4.40
CA LYS A 452 14.18 6.38 -4.24
C LYS A 452 13.50 5.82 -5.46
N ARG A 453 14.20 4.95 -6.19
CA ARG A 453 13.72 4.35 -7.43
C ARG A 453 13.21 2.94 -7.12
N PHE A 454 11.88 2.75 -7.16
CA PHE A 454 11.24 1.47 -6.91
C PHE A 454 10.82 0.74 -8.19
N GLY A 455 11.04 1.34 -9.37
CA GLY A 455 10.45 0.79 -10.57
C GLY A 455 11.12 -0.48 -11.07
N LEU A 456 10.32 -1.32 -11.73
CA LEU A 456 10.88 -2.24 -12.71
C LEU A 456 11.36 -1.50 -13.94
N VAL A 457 10.83 -0.32 -14.20
CA VAL A 457 11.15 0.50 -15.37
C VAL A 457 11.75 1.81 -14.88
N TYR A 458 12.91 2.17 -15.43
CA TYR A 458 13.58 3.41 -15.12
C TYR A 458 12.89 4.58 -15.81
N VAL A 459 12.86 5.73 -15.13
CA VAL A 459 12.32 6.95 -15.74
C VAL A 459 13.42 8.00 -15.70
N ASP A 460 13.79 8.52 -16.87
CA ASP A 460 14.90 9.44 -17.00
C ASP A 460 14.41 10.85 -16.68
N TYR A 461 14.71 11.33 -15.48
CA TYR A 461 14.33 12.68 -15.08
C TYR A 461 15.19 13.74 -15.75
N LYS A 462 16.28 13.34 -16.39
CA LYS A 462 17.18 14.25 -17.07
C LYS A 462 16.79 14.49 -18.52
N ASN A 463 16.11 13.53 -19.15
CA ASN A 463 15.82 13.60 -20.59
C ASN A 463 14.42 13.03 -20.85
N GLY A 464 13.43 13.93 -20.86
CA GLY A 464 12.10 13.65 -21.40
C GLY A 464 11.26 12.60 -20.68
N LEU A 465 11.61 12.24 -19.44
CA LEU A 465 10.89 11.19 -18.69
C LEU A 465 10.82 9.89 -19.49
N THR A 466 11.89 9.59 -20.24
CA THR A 466 11.92 8.37 -21.03
C THR A 466 11.85 7.13 -20.15
N ARG A 467 11.06 6.15 -20.56
CA ARG A 467 11.01 4.87 -19.88
C ARG A 467 12.07 3.92 -20.43
N HIS A 468 12.83 3.30 -19.54
CA HIS A 468 13.80 2.26 -19.90
C HIS A 468 13.60 1.07 -18.99
N PRO A 469 13.11 -0.06 -19.48
CA PRO A 469 12.95 -1.22 -18.60
C PRO A 469 14.30 -1.66 -18.04
N LYS A 470 14.31 -2.02 -16.77
CA LYS A 470 15.50 -2.46 -16.08
C LYS A 470 15.67 -3.98 -16.23
N SER A 471 16.80 -4.49 -15.76
CA SER A 471 17.01 -5.94 -15.75
C SER A 471 15.85 -6.65 -15.07
N SER A 472 15.30 -6.05 -14.01
CA SER A 472 14.20 -6.70 -13.29
C SER A 472 12.93 -6.77 -14.15
N ALA A 473 12.70 -5.78 -15.01
CA ALA A 473 11.57 -5.85 -15.92
C ALA A 473 11.71 -7.04 -16.86
N TYR A 474 12.90 -7.21 -17.45
CA TYR A 474 13.10 -8.33 -18.37
C TYR A 474 13.05 -9.66 -17.63
N TRP A 475 13.50 -9.70 -16.37
CA TRP A 475 13.35 -10.92 -15.59
C TRP A 475 11.87 -11.27 -15.42
N PHE A 476 11.04 -10.29 -15.06
CA PHE A 476 9.61 -10.56 -14.92
C PHE A 476 9.00 -11.01 -16.23
N MET A 477 9.42 -10.39 -17.35
CA MET A 477 8.92 -10.81 -18.65
C MET A 477 9.20 -12.29 -18.90
N LYS A 478 10.44 -12.72 -18.65
CA LYS A 478 10.76 -14.14 -18.85
C LYS A 478 10.04 -15.01 -17.83
N PHE A 479 9.99 -14.57 -16.57
CA PHE A 479 9.31 -15.33 -15.52
C PHE A 479 7.84 -15.54 -15.89
N LEU A 480 7.17 -14.48 -16.32
CA LEU A 480 5.74 -14.57 -16.59
C LEU A 480 5.43 -15.41 -17.82
N LYS A 481 6.37 -15.52 -18.77
CA LYS A 481 6.13 -16.39 -19.92
C LYS A 481 6.25 -17.86 -19.58
N GLY A 482 6.99 -18.22 -18.53
CA GLY A 482 7.07 -19.60 -18.07
C GLY A 482 7.76 -20.54 -19.04
C1 GOL B . 2.96 2.73 -0.42
O1 GOL B . 1.61 2.39 -0.63
C2 GOL B . 3.49 3.24 -1.81
O2 GOL B . 2.91 4.46 -2.17
C3 GOL B . 5.03 3.31 -1.72
O3 GOL B . 5.37 4.16 -0.66
C1 GOL C . 6.01 1.43 2.95
O1 GOL C . 4.82 0.70 2.78
C2 GOL C . 5.89 2.82 2.28
O2 GOL C . 4.59 3.28 2.23
C3 GOL C . 6.85 3.74 3.11
O3 GOL C . 6.40 5.07 2.98
C1 GOL D . 9.84 14.78 -12.24
O1 GOL D . 9.03 15.30 -13.25
C2 GOL D . 11.06 15.70 -12.11
O2 GOL D . 10.70 16.98 -11.75
C3 GOL D . 11.97 15.04 -11.05
O3 GOL D . 13.25 15.61 -11.20
C1 GOL E . 12.86 23.00 -6.12
O1 GOL E . 11.54 22.67 -6.16
C2 GOL E . 13.13 22.93 -4.65
O2 GOL E . 12.12 23.51 -3.92
C3 GOL E . 14.56 23.41 -4.41
O3 GOL E . 15.01 22.63 -3.36
#